data_8PVH
#
_entry.id   8PVH
#
_cell.length_a   1.00
_cell.length_b   1.00
_cell.length_c   1.00
_cell.angle_alpha   90.00
_cell.angle_beta   90.00
_cell.angle_gamma   90.00
#
_symmetry.space_group_name_H-M   'P 1'
#
loop_
_entity.id
_entity.type
_entity.pdbx_description
1 polymer 'Aldehyde dehydrogenase 1A1'
2 non-polymer 'CHLORIDE ION'
#
_entity_poly.entity_id   1
_entity_poly.type   'polypeptide(L)'
_entity_poly.pdbx_seq_one_letter_code
;MSYYHHHHHHLESTSLYKKAGSAAAPFTSSSGTPDLPVLLTDLKIQYTKIFINNEWHDSVSGKKFPVFNPATEEELCQVE
EGDKEDVDKAVKAARQAFQIGSPWRTMDASERGRLLYKLADLIERDRLLLATMESMNGGKLYSNAYLNDLAGCIKTLRYC
AGWADKIQGRTIPIDGNFFTYTRHEPIGVCGQIIPWNFPLVMLIWKIGPALSCGNTVVVKPAEQTPLTALHVASLIKEAG
FPPGVVNIVPGYGPTAGAAISSHMDIDKVAFTGSTEVGKLIKEAAGKSNLKRVTLELGGKSPCIVLADADLDNAVEFAHH
GVFYHQGQCCIAASRIFVEESIYDEFVRRSVERAKKYILGNPLTPGVTQGPQIDKEQYDKILDLIESGKKEGAKLECGGG
PWGNKGYFVQPTVFSNVTDEMRIAKEEIFGPVQQIMKFKSLDDVIKRANNTFYGLSAGVFTKDIDKAITISSALQAGTVW
VNCYGVVSAQCPFGGFKMSGNGRELGEYGFHEYTEVKTVTVKISQKNS
;
_entity_poly.pdbx_strand_id   A
#
# COMPACT_ATOMS: atom_id res chain seq x y z
N LEU A 36 -2.10 18.64 17.22
CA LEU A 36 -2.31 18.63 15.74
C LEU A 36 -2.16 20.06 15.20
N PRO A 37 -0.94 20.51 14.78
CA PRO A 37 -0.79 21.80 14.10
C PRO A 37 -1.40 21.79 12.68
N VAL A 38 -1.62 22.99 12.11
CA VAL A 38 -2.25 23.15 10.79
C VAL A 38 -1.43 24.12 9.92
N LEU A 39 -1.56 23.99 8.60
CA LEU A 39 -0.90 24.87 7.64
C LEU A 39 -1.67 26.20 7.62
N LEU A 40 -0.98 27.29 8.01
CA LEU A 40 -1.55 28.62 8.19
C LEU A 40 -1.67 29.41 6.88
N THR A 41 -1.25 28.82 5.72
CA THR A 41 -1.50 29.37 4.39
C THR A 41 -2.23 28.34 3.52
N ASP A 42 -3.15 28.82 2.64
CA ASP A 42 -3.80 27.97 1.64
C ASP A 42 -2.74 27.42 0.69
N LEU A 43 -2.89 26.12 0.30
CA LEU A 43 -1.82 25.39 -0.36
C LEU A 43 -1.68 25.86 -1.81
N LYS A 44 -0.44 26.15 -2.23
CA LYS A 44 -0.06 26.40 -3.61
C LYS A 44 0.74 25.19 -4.11
N ILE A 45 0.28 24.57 -5.22
CA ILE A 45 0.91 23.40 -5.80
C ILE A 45 1.94 23.90 -6.81
N GLN A 46 3.14 23.29 -6.78
CA GLN A 46 4.32 23.78 -7.50
C GLN A 46 4.81 22.73 -8.52
N TYR A 47 4.96 21.46 -8.09
CA TYR A 47 5.59 20.42 -8.89
C TYR A 47 4.54 19.60 -9.60
N THR A 48 4.50 19.72 -10.94
CA THR A 48 3.43 19.20 -11.77
C THR A 48 3.97 18.44 -13.00
N LYS A 49 5.28 18.19 -13.07
CA LYS A 49 5.91 17.77 -14.32
C LYS A 49 6.51 16.39 -14.10
N ILE A 50 6.97 15.77 -15.19
CA ILE A 50 7.72 14.52 -15.15
C ILE A 50 9.13 14.82 -14.60
N PHE A 51 9.63 13.96 -13.69
CA PHE A 51 10.92 14.11 -13.01
C PHE A 51 11.88 13.05 -13.56
N ILE A 52 12.91 13.45 -14.33
CA ILE A 52 13.92 12.57 -14.91
C ILE A 52 15.28 13.25 -14.74
N ASN A 53 16.31 12.53 -14.26
CA ASN A 53 17.68 13.06 -14.10
C ASN A 53 17.71 14.33 -13.25
N ASN A 54 16.88 14.39 -12.18
CA ASN A 54 16.77 15.51 -11.25
C ASN A 54 16.37 16.83 -11.94
N GLU A 55 15.61 16.74 -13.06
CA GLU A 55 15.11 17.91 -13.79
C GLU A 55 13.64 17.68 -14.16
N TRP A 56 12.93 18.78 -14.44
CA TRP A 56 11.50 18.77 -14.69
C TRP A 56 11.25 18.83 -16.20
N HIS A 57 10.47 17.87 -16.71
CA HIS A 57 10.25 17.68 -18.14
C HIS A 57 8.75 17.79 -18.45
N ASP A 58 8.43 18.44 -19.58
CA ASP A 58 7.11 18.31 -20.19
C ASP A 58 6.99 16.92 -20.80
N SER A 59 5.74 16.49 -21.02
CA SER A 59 5.46 15.24 -21.71
C SER A 59 5.89 15.34 -23.17
N VAL A 60 6.36 14.20 -23.75
CA VAL A 60 6.79 14.10 -25.15
C VAL A 60 5.62 14.50 -26.07
N SER A 61 4.41 14.02 -25.74
CA SER A 61 3.17 14.36 -26.44
C SER A 61 2.75 15.82 -26.25
N GLY A 62 3.12 16.45 -25.12
CA GLY A 62 2.65 17.78 -24.76
C GLY A 62 1.36 17.75 -23.96
N LYS A 63 0.78 16.55 -23.72
CA LYS A 63 -0.53 16.39 -23.12
C LYS A 63 -0.43 16.59 -21.60
N LYS A 64 -1.54 17.06 -20.99
CA LYS A 64 -1.72 17.16 -19.55
C LYS A 64 -3.03 16.46 -19.16
N PHE A 65 -3.21 16.19 -17.85
CA PHE A 65 -4.46 15.64 -17.32
C PHE A 65 -4.86 16.35 -16.02
N PRO A 66 -6.18 16.50 -15.70
CA PRO A 66 -6.58 17.21 -14.47
C PRO A 66 -6.54 16.32 -13.22
N VAL A 67 -6.32 16.99 -12.08
CA VAL A 67 -6.33 16.39 -10.75
C VAL A 67 -7.40 17.13 -9.94
N PHE A 68 -8.22 16.38 -9.20
CA PHE A 68 -9.39 16.90 -8.51
C PHE A 68 -9.29 16.70 -7.00
N ASN A 69 -10.03 17.54 -6.25
CA ASN A 69 -10.31 17.34 -4.83
C ASN A 69 -11.60 16.53 -4.73
N PRO A 70 -11.63 15.28 -4.17
CA PRO A 70 -12.87 14.50 -4.11
C PRO A 70 -13.96 14.94 -3.12
N ALA A 71 -13.64 15.89 -2.21
CA ALA A 71 -14.62 16.48 -1.32
C ALA A 71 -15.47 17.56 -2.01
N THR A 72 -14.93 18.24 -3.03
CA THR A 72 -15.58 19.35 -3.72
C THR A 72 -15.73 19.13 -5.24
N GLU A 73 -15.02 18.15 -5.84
CA GLU A 73 -15.07 17.74 -7.25
C GLU A 73 -14.53 18.84 -8.18
N GLU A 74 -13.68 19.74 -7.66
CA GLU A 74 -13.13 20.87 -8.40
C GLU A 74 -11.66 20.57 -8.70
N GLU A 75 -11.15 21.15 -9.79
CA GLU A 75 -9.81 20.88 -10.29
C GLU A 75 -8.81 21.59 -9.37
N LEU A 76 -7.70 20.89 -9.04
CA LEU A 76 -6.62 21.39 -8.20
C LEU A 76 -5.47 21.93 -9.07
N CYS A 77 -5.11 21.19 -10.14
CA CYS A 77 -4.13 21.62 -11.14
C CYS A 77 -4.13 20.68 -12.36
N GLN A 78 -3.29 21.02 -13.36
CA GLN A 78 -2.92 20.18 -14.49
C GLN A 78 -1.55 19.55 -14.26
N VAL A 79 -1.40 18.25 -14.60
CA VAL A 79 -0.16 17.49 -14.43
C VAL A 79 0.23 16.91 -15.78
N GLU A 80 1.54 16.82 -16.07
CA GLU A 80 2.06 16.31 -17.33
C GLU A 80 1.72 14.82 -17.46
N GLU A 81 1.17 14.43 -18.60
CA GLU A 81 0.75 13.06 -18.84
C GLU A 81 1.89 12.27 -19.49
N GLY A 82 2.52 11.38 -18.70
CA GLY A 82 3.50 10.46 -19.23
C GLY A 82 2.87 9.31 -20.02
N ASP A 83 3.62 8.82 -21.02
CA ASP A 83 3.23 7.71 -21.87
C ASP A 83 4.47 6.84 -22.11
N LYS A 84 4.41 5.90 -23.09
CA LYS A 84 5.51 5.01 -23.45
C LYS A 84 6.82 5.74 -23.76
N GLU A 85 6.75 6.95 -24.35
CA GLU A 85 7.94 7.69 -24.79
C GLU A 85 8.63 8.30 -23.57
N ASP A 86 7.84 8.70 -22.56
CA ASP A 86 8.33 9.34 -21.35
C ASP A 86 8.92 8.28 -20.43
N VAL A 87 8.29 7.10 -20.34
CA VAL A 87 8.83 5.97 -19.58
C VAL A 87 10.15 5.51 -20.21
N ASP A 88 10.25 5.43 -21.55
CA ASP A 88 11.50 5.04 -22.20
C ASP A 88 12.64 5.98 -21.82
N LYS A 89 12.40 7.31 -21.81
CA LYS A 89 13.38 8.30 -21.37
C LYS A 89 13.77 8.13 -19.90
N ALA A 90 12.80 7.85 -19.01
CA ALA A 90 13.09 7.63 -17.60
C ALA A 90 13.89 6.36 -17.40
N VAL A 91 13.58 5.28 -18.12
CA VAL A 91 14.30 4.02 -17.95
C VAL A 91 15.74 4.18 -18.46
N LYS A 92 15.97 4.87 -19.59
CA LYS A 92 17.33 5.15 -20.03
C LYS A 92 18.11 5.94 -18.98
N ALA A 93 17.50 6.92 -18.29
CA ALA A 93 18.16 7.68 -17.24
C ALA A 93 18.48 6.79 -16.04
N ALA A 94 17.55 5.91 -15.66
CA ALA A 94 17.75 4.99 -14.56
C ALA A 94 18.81 3.95 -14.90
N ARG A 95 18.84 3.45 -16.13
CA ARG A 95 19.89 2.51 -16.52
C ARG A 95 21.27 3.16 -16.51
N GLN A 96 21.40 4.40 -17.00
CA GLN A 96 22.67 5.14 -16.96
C GLN A 96 23.16 5.34 -15.52
N ALA A 97 22.26 5.71 -14.58
CA ALA A 97 22.63 5.89 -13.18
C ALA A 97 22.98 4.56 -12.50
N PHE A 98 22.59 3.41 -13.06
CA PHE A 98 22.90 2.11 -12.50
C PHE A 98 24.16 1.48 -13.11
N GLN A 99 24.84 2.13 -14.07
CA GLN A 99 26.00 1.54 -14.72
C GLN A 99 27.14 1.31 -13.72
N ILE A 100 27.87 0.19 -13.86
CA ILE A 100 29.09 -0.08 -13.09
C ILE A 100 30.04 1.12 -13.23
N GLY A 101 30.60 1.58 -12.12
CA GLY A 101 31.46 2.75 -12.09
C GLY A 101 30.71 4.08 -11.96
N SER A 102 29.37 4.07 -11.82
CA SER A 102 28.60 5.30 -11.70
C SER A 102 28.67 5.83 -10.27
N PRO A 103 28.33 7.12 -9.96
CA PRO A 103 28.20 7.58 -8.57
C PRO A 103 27.33 6.75 -7.63
N TRP A 104 26.15 6.31 -8.10
CA TRP A 104 25.24 5.51 -7.28
C TRP A 104 25.81 4.11 -7.00
N ARG A 105 26.57 3.54 -7.94
CA ARG A 105 27.10 2.20 -7.75
C ARG A 105 28.41 2.20 -6.97
N THR A 106 29.15 3.32 -6.97
CA THR A 106 30.45 3.37 -6.31
C THR A 106 30.35 3.88 -4.88
N MET A 107 29.29 4.65 -4.52
CA MET A 107 29.22 5.18 -3.16
C MET A 107 28.99 4.04 -2.16
N ASP A 108 29.45 4.29 -0.93
CA ASP A 108 29.45 3.29 0.15
C ASP A 108 28.00 2.96 0.47
N ALA A 109 27.73 1.72 0.93
CA ALA A 109 26.39 1.34 1.39
C ALA A 109 25.87 2.29 2.48
N SER A 110 26.75 2.67 3.41
CA SER A 110 26.42 3.62 4.45
C SER A 110 26.02 4.99 3.89
N GLU A 111 26.55 5.40 2.73
CA GLU A 111 26.19 6.68 2.12
C GLU A 111 24.81 6.62 1.48
N ARG A 112 24.39 5.47 0.92
CA ARG A 112 23.00 5.30 0.48
C ARG A 112 22.07 5.49 1.68
N GLY A 113 22.46 4.92 2.83
CA GLY A 113 21.72 5.09 4.07
C GLY A 113 21.63 6.54 4.46
N ARG A 114 22.76 7.26 4.39
CA ARG A 114 22.78 8.67 4.78
C ARG A 114 21.82 9.46 3.91
N LEU A 115 21.70 9.15 2.61
CA LEU A 115 20.80 9.91 1.76
C LEU A 115 19.34 9.63 2.11
N LEU A 116 19.01 8.37 2.47
CA LEU A 116 17.66 8.06 2.90
C LEU A 116 17.33 8.73 4.23
N TYR A 117 18.27 8.80 5.19
CA TYR A 117 18.02 9.44 6.48
C TYR A 117 17.92 10.96 6.30
N LYS A 118 18.68 11.51 5.34
CA LYS A 118 18.58 12.92 5.03
C LYS A 118 17.20 13.26 4.44
N LEU A 119 16.72 12.40 3.51
CA LEU A 119 15.41 12.57 2.90
C LEU A 119 14.31 12.51 3.97
N ALA A 120 14.46 11.62 4.97
CA ALA A 120 13.51 11.51 6.09
C ALA A 120 13.42 12.82 6.85
N ASP A 121 14.57 13.46 7.11
CA ASP A 121 14.59 14.74 7.81
C ASP A 121 13.91 15.84 6.99
N LEU A 122 14.01 15.81 5.65
CA LEU A 122 13.36 16.81 4.81
C LEU A 122 11.84 16.58 4.72
N ILE A 123 11.38 15.31 4.71
CA ILE A 123 9.95 14.96 4.77
C ILE A 123 9.39 15.44 6.11
N GLU A 124 10.14 15.24 7.20
CA GLU A 124 9.77 15.73 8.53
C GLU A 124 9.63 17.26 8.51
N ARG A 125 10.58 17.99 7.90
CA ARG A 125 10.47 19.43 7.73
C ARG A 125 9.20 19.86 6.98
N ASP A 126 8.82 19.14 5.89
CA ASP A 126 7.66 19.49 5.06
C ASP A 126 6.41 18.69 5.45
N ARG A 127 6.29 18.30 6.72
CA ARG A 127 5.19 17.45 7.17
C ARG A 127 3.84 18.15 7.06
N LEU A 128 3.74 19.44 7.43
CA LEU A 128 2.49 20.19 7.34
C LEU A 128 1.98 20.24 5.90
N LEU A 129 2.84 20.59 4.93
CA LEU A 129 2.35 20.82 3.57
C LEU A 129 2.13 19.46 2.88
N LEU A 130 2.92 18.42 3.16
CA LEU A 130 2.65 17.09 2.61
C LEU A 130 1.33 16.52 3.14
N ALA A 131 1.03 16.68 4.43
CA ALA A 131 -0.21 16.15 5.00
C ALA A 131 -1.43 16.92 4.49
N THR A 132 -1.30 18.22 4.21
CA THR A 132 -2.36 19.03 3.62
C THR A 132 -2.66 18.54 2.21
N MET A 133 -1.60 18.32 1.42
CA MET A 133 -1.70 17.87 0.05
C MET A 133 -2.30 16.47 0.00
N GLU A 134 -1.90 15.57 0.92
CA GLU A 134 -2.46 14.23 1.05
C GLU A 134 -3.97 14.28 1.35
N SER A 135 -4.37 15.11 2.32
CA SER A 135 -5.77 15.27 2.71
C SER A 135 -6.61 15.87 1.58
N MET A 136 -6.11 16.95 0.99
CA MET A 136 -6.78 17.72 -0.05
C MET A 136 -6.92 16.89 -1.34
N ASN A 137 -5.90 16.12 -1.73
CA ASN A 137 -5.92 15.40 -3.00
C ASN A 137 -6.51 14.01 -2.83
N GLY A 138 -6.26 13.34 -1.68
CA GLY A 138 -6.60 11.94 -1.49
C GLY A 138 -7.94 11.72 -0.80
N GLY A 139 -8.54 12.80 -0.27
CA GLY A 139 -9.75 12.72 0.52
C GLY A 139 -9.53 12.10 1.91
N LYS A 140 -8.32 12.25 2.46
CA LYS A 140 -7.94 11.59 3.71
C LYS A 140 -8.15 12.56 4.86
N LEU A 141 -8.72 12.10 5.99
CA LEU A 141 -8.81 12.93 7.19
C LEU A 141 -7.46 13.57 7.51
N TYR A 142 -7.43 14.89 7.78
CA TYR A 142 -6.19 15.63 7.94
C TYR A 142 -5.43 15.12 9.17
N SER A 143 -6.15 14.94 10.30
CA SER A 143 -5.62 14.38 11.53
C SER A 143 -4.87 13.08 11.27
N ASN A 144 -5.45 12.18 10.48
CA ASN A 144 -4.84 10.90 10.15
C ASN A 144 -3.68 11.07 9.17
N ALA A 145 -3.81 11.91 8.13
CA ALA A 145 -2.71 12.19 7.22
C ALA A 145 -1.48 12.76 7.94
N TYR A 146 -1.67 13.67 8.91
CA TYR A 146 -0.58 14.29 9.66
C TYR A 146 -0.02 13.32 10.71
N LEU A 147 -0.88 12.73 11.57
CA LEU A 147 -0.42 12.01 12.76
C LEU A 147 -0.11 10.55 12.47
N ASN A 148 -0.70 9.94 11.41
CA ASN A 148 -0.58 8.50 11.15
C ASN A 148 -0.01 8.10 9.77
N ASP A 149 -0.17 8.88 8.69
CA ASP A 149 0.47 8.62 7.39
C ASP A 149 1.87 9.21 7.30
N LEU A 150 2.05 10.49 7.66
CA LEU A 150 3.37 11.10 7.56
C LEU A 150 4.30 10.55 8.62
N ALA A 151 3.80 10.22 9.83
CA ALA A 151 4.62 9.53 10.83
C ALA A 151 5.09 8.14 10.34
N GLY A 152 4.21 7.38 9.65
CA GLY A 152 4.58 6.12 9.00
C GLY A 152 5.57 6.28 7.85
N CYS A 153 5.43 7.33 7.03
CA CYS A 153 6.42 7.68 6.02
C CYS A 153 7.80 7.94 6.65
N ILE A 154 7.88 8.77 7.69
CA ILE A 154 9.17 9.14 8.26
C ILE A 154 9.76 7.91 8.93
N LYS A 155 8.95 7.18 9.72
CA LYS A 155 9.44 6.01 10.42
C LYS A 155 9.92 4.95 9.44
N THR A 156 9.19 4.72 8.35
CA THR A 156 9.59 3.65 7.43
C THR A 156 10.86 4.03 6.69
N LEU A 157 11.00 5.30 6.26
CA LEU A 157 12.24 5.73 5.63
C LEU A 157 13.43 5.57 6.56
N ARG A 158 13.30 5.97 7.84
CA ARG A 158 14.41 5.84 8.78
C ARG A 158 14.75 4.38 8.98
N TYR A 159 13.75 3.51 9.04
CA TYR A 159 14.01 2.09 9.15
C TYR A 159 14.78 1.59 7.92
N CYS A 160 14.37 1.98 6.70
CA CYS A 160 15.01 1.53 5.47
C CYS A 160 16.45 2.04 5.33
N ALA A 161 16.69 3.29 5.73
CA ALA A 161 18.04 3.83 5.82
C ALA A 161 18.96 2.89 6.62
N GLY A 162 18.45 2.38 7.75
CA GLY A 162 19.20 1.55 8.67
C GLY A 162 19.62 0.21 8.07
N TRP A 163 18.90 -0.29 7.05
CA TRP A 163 19.27 -1.56 6.42
C TRP A 163 20.41 -1.42 5.42
N ALA A 164 20.66 -0.23 4.86
CA ALA A 164 21.52 -0.11 3.69
C ALA A 164 22.86 -0.85 3.85
N ASP A 165 23.53 -0.68 5.00
CA ASP A 165 24.89 -1.16 5.21
C ASP A 165 24.87 -2.43 6.05
N LYS A 166 23.70 -3.07 6.21
CA LYS A 166 23.58 -4.32 6.97
C LYS A 166 23.04 -5.43 6.08
N ILE A 167 22.90 -5.16 4.77
CA ILE A 167 22.48 -6.17 3.82
C ILE A 167 23.73 -6.96 3.50
N GLN A 168 23.70 -8.24 3.82
CA GLN A 168 24.90 -9.06 3.84
C GLN A 168 24.58 -10.28 3.02
N GLY A 169 25.58 -10.81 2.30
CA GLY A 169 25.49 -12.14 1.75
C GLY A 169 26.12 -13.14 2.70
N ARG A 170 26.63 -14.23 2.14
CA ARG A 170 27.05 -15.39 2.89
C ARG A 170 28.43 -15.80 2.43
N THR A 171 29.25 -16.35 3.32
CA THR A 171 30.35 -17.19 2.90
C THR A 171 29.93 -18.63 3.15
N ILE A 172 30.26 -19.54 2.23
CA ILE A 172 29.61 -20.84 2.19
C ILE A 172 30.67 -21.93 2.26
N PRO A 173 30.54 -22.94 3.14
CA PRO A 173 31.51 -24.05 3.18
C PRO A 173 31.16 -25.16 2.16
N ILE A 174 31.29 -24.79 0.88
CA ILE A 174 31.06 -25.65 -0.28
C ILE A 174 32.00 -26.87 -0.26
N ASP A 175 31.55 -27.99 -0.83
CA ASP A 175 32.39 -29.16 -1.03
C ASP A 175 33.50 -28.82 -2.05
N GLY A 176 34.68 -29.44 -1.85
CA GLY A 176 35.83 -29.36 -2.74
C GLY A 176 36.77 -28.21 -2.39
N ASN A 177 37.86 -28.02 -3.17
CA ASN A 177 38.87 -27.01 -2.88
C ASN A 177 38.47 -25.67 -3.49
N PHE A 178 37.46 -25.02 -2.89
CA PHE A 178 36.89 -23.77 -3.39
C PHE A 178 36.57 -22.85 -2.23
N PHE A 179 36.58 -21.56 -2.51
CA PHE A 179 36.08 -20.53 -1.63
C PHE A 179 34.85 -19.97 -2.30
N THR A 180 33.69 -20.02 -1.63
CA THR A 180 32.43 -19.55 -2.22
C THR A 180 31.86 -18.44 -1.34
N TYR A 181 31.38 -17.36 -1.97
CA TYR A 181 30.61 -16.37 -1.26
C TYR A 181 29.43 -15.89 -2.09
N THR A 182 28.47 -15.18 -1.47
CA THR A 182 27.41 -14.49 -2.21
C THR A 182 27.53 -13.00 -2.01
N ARG A 183 27.27 -12.24 -3.09
CA ARG A 183 26.93 -10.83 -2.99
C ARG A 183 25.40 -10.70 -3.04
N HIS A 184 24.82 -9.84 -2.17
CA HIS A 184 23.48 -9.32 -2.37
C HIS A 184 23.62 -8.02 -3.18
N GLU A 185 23.61 -8.17 -4.51
CA GLU A 185 23.69 -7.05 -5.43
C GLU A 185 22.32 -6.37 -5.58
N PRO A 186 22.19 -5.08 -5.98
CA PRO A 186 20.90 -4.60 -6.47
C PRO A 186 20.52 -5.24 -7.81
N ILE A 187 19.20 -5.28 -8.10
CA ILE A 187 18.64 -5.96 -9.27
C ILE A 187 18.86 -5.09 -10.50
N GLY A 188 18.45 -3.81 -10.43
CA GLY A 188 18.68 -2.91 -11.53
C GLY A 188 17.66 -1.79 -11.53
N VAL A 189 16.98 -1.59 -12.66
CA VAL A 189 15.98 -0.55 -12.76
C VAL A 189 14.66 -1.19 -12.31
N CYS A 190 14.04 -0.55 -11.29
CA CYS A 190 12.81 -1.04 -10.65
C CYS A 190 11.66 -0.10 -11.00
N GLY A 191 10.64 -0.65 -11.67
CA GLY A 191 9.41 0.06 -12.00
C GLY A 191 8.42 -0.09 -10.85
N GLN A 192 7.88 1.04 -10.35
CA GLN A 192 7.08 1.02 -9.14
C GLN A 192 5.80 1.79 -9.41
N ILE A 193 4.66 1.09 -9.32
CA ILE A 193 3.35 1.64 -9.59
C ILE A 193 2.65 1.75 -8.23
N ILE A 194 2.31 3.01 -7.87
CA ILE A 194 1.82 3.40 -6.56
C ILE A 194 0.29 3.46 -6.68
N PRO A 195 -0.51 2.97 -5.70
CA PRO A 195 -1.97 3.15 -5.71
C PRO A 195 -2.42 4.49 -5.14
N TRP A 196 -3.73 4.77 -5.22
CA TRP A 196 -4.30 6.06 -4.80
C TRP A 196 -4.69 6.08 -3.32
N ASN A 197 -4.80 4.92 -2.65
CA ASN A 197 -5.40 4.84 -1.33
C ASN A 197 -4.42 5.36 -0.25
N PHE A 198 -3.14 5.00 -0.37
CA PHE A 198 -2.10 5.50 0.52
C PHE A 198 -0.97 6.07 -0.33
N PRO A 199 -1.13 7.21 -1.04
CA PRO A 199 -0.14 7.63 -2.05
C PRO A 199 1.29 7.86 -1.52
N LEU A 200 1.43 8.51 -0.36
CA LEU A 200 2.74 8.87 0.16
C LEU A 200 3.34 7.70 0.93
N VAL A 201 2.52 7.03 1.75
CA VAL A 201 2.96 5.85 2.49
C VAL A 201 3.41 4.77 1.51
N MET A 202 2.63 4.46 0.47
CA MET A 202 3.00 3.41 -0.45
C MET A 202 4.18 3.83 -1.33
N LEU A 203 4.36 5.13 -1.63
CA LEU A 203 5.57 5.56 -2.32
C LEU A 203 6.82 5.17 -1.53
N ILE A 204 6.86 5.45 -0.21
CA ILE A 204 8.04 5.21 0.62
C ILE A 204 8.20 3.71 0.90
N TRP A 205 7.12 2.95 1.02
CA TRP A 205 7.27 1.50 1.13
C TRP A 205 7.92 0.87 -0.10
N LYS A 206 7.83 1.52 -1.26
CA LYS A 206 8.45 1.01 -2.47
C LYS A 206 9.85 1.61 -2.60
N ILE A 207 10.01 2.95 -2.61
CA ILE A 207 11.33 3.51 -2.92
C ILE A 207 12.31 3.26 -1.75
N GLY A 208 11.85 3.17 -0.50
CA GLY A 208 12.73 3.00 0.64
C GLY A 208 13.54 1.72 0.54
N PRO A 209 12.94 0.51 0.48
CA PRO A 209 13.69 -0.72 0.24
C PRO A 209 14.46 -0.76 -1.08
N ALA A 210 13.87 -0.26 -2.17
CA ALA A 210 14.55 -0.29 -3.46
C ALA A 210 15.86 0.50 -3.42
N LEU A 211 15.85 1.70 -2.85
CA LEU A 211 17.05 2.52 -2.80
C LEU A 211 18.02 2.09 -1.72
N SER A 212 17.53 1.58 -0.60
CA SER A 212 18.42 1.00 0.41
C SER A 212 19.28 -0.11 -0.16
N CYS A 213 18.70 -0.96 -1.00
CA CYS A 213 19.45 -2.05 -1.61
C CYS A 213 20.31 -1.62 -2.81
N GLY A 214 20.14 -0.39 -3.31
CA GLY A 214 21.04 0.21 -4.29
C GLY A 214 20.51 0.18 -5.72
N ASN A 215 19.20 -0.04 -5.90
CA ASN A 215 18.55 -0.02 -7.20
C ASN A 215 18.31 1.41 -7.64
N THR A 216 17.94 1.61 -8.92
CA THR A 216 17.39 2.88 -9.37
C THR A 216 15.93 2.62 -9.69
N VAL A 217 15.10 3.70 -9.66
CA VAL A 217 13.64 3.54 -9.73
C VAL A 217 13.03 4.46 -10.79
N VAL A 218 11.99 3.92 -11.44
CA VAL A 218 11.04 4.68 -12.23
C VAL A 218 9.68 4.48 -11.55
N VAL A 219 9.10 5.58 -11.04
CA VAL A 219 7.89 5.57 -10.24
C VAL A 219 6.75 6.04 -11.14
N LYS A 220 5.59 5.35 -11.11
CA LYS A 220 4.37 5.85 -11.74
C LYS A 220 3.33 6.04 -10.65
N PRO A 221 3.09 7.26 -10.11
CA PRO A 221 2.00 7.45 -9.14
C PRO A 221 0.63 7.28 -9.78
N ALA A 222 -0.41 7.06 -8.94
CA ALA A 222 -1.78 6.85 -9.41
C ALA A 222 -2.27 8.13 -10.11
N GLU A 223 -3.05 7.95 -11.18
CA GLU A 223 -3.64 9.07 -11.93
C GLU A 223 -4.52 9.95 -11.02
N GLN A 224 -5.17 9.37 -10.00
CA GLN A 224 -6.01 10.13 -9.08
C GLN A 224 -5.16 11.04 -8.18
N THR A 225 -3.94 10.59 -7.83
CA THR A 225 -3.15 11.16 -6.74
C THR A 225 -1.66 11.25 -7.12
N PRO A 226 -1.25 12.09 -8.10
CA PRO A 226 0.18 12.28 -8.38
C PRO A 226 0.92 13.28 -7.51
N LEU A 227 0.22 14.14 -6.72
CA LEU A 227 0.81 15.40 -6.28
C LEU A 227 1.87 15.21 -5.18
N THR A 228 1.61 14.33 -4.20
CA THR A 228 2.55 14.10 -3.11
C THR A 228 3.84 13.45 -3.61
N ALA A 229 3.76 12.51 -4.58
CA ALA A 229 4.95 11.89 -5.16
C ALA A 229 5.87 12.90 -5.84
N LEU A 230 5.31 13.89 -6.56
CA LEU A 230 6.11 14.90 -7.22
C LEU A 230 6.73 15.88 -6.22
N HIS A 231 6.04 16.22 -5.11
CA HIS A 231 6.67 17.00 -4.04
C HIS A 231 7.87 16.23 -3.49
N VAL A 232 7.72 14.92 -3.28
CA VAL A 232 8.83 14.13 -2.73
C VAL A 232 9.99 14.05 -3.73
N ALA A 233 9.72 14.00 -5.04
CA ALA A 233 10.79 14.10 -6.04
C ALA A 233 11.63 15.37 -5.81
N SER A 234 10.99 16.52 -5.56
CA SER A 234 11.72 17.75 -5.27
C SER A 234 12.66 17.59 -4.07
N LEU A 235 12.25 16.80 -3.06
CA LEU A 235 13.04 16.56 -1.87
C LEU A 235 14.16 15.54 -2.12
N ILE A 236 13.98 14.61 -3.07
CA ILE A 236 15.05 13.69 -3.45
C ILE A 236 16.20 14.47 -4.11
N LYS A 237 15.87 15.37 -5.05
CA LYS A 237 16.85 16.28 -5.62
C LYS A 237 17.57 17.07 -4.52
N GLU A 238 16.83 17.63 -3.54
CA GLU A 238 17.40 18.45 -2.48
C GLU A 238 18.30 17.65 -1.52
N ALA A 239 17.93 16.39 -1.23
CA ALA A 239 18.70 15.51 -0.35
C ALA A 239 20.06 15.17 -0.95
N GLY A 240 20.14 15.17 -2.30
CA GLY A 240 21.40 15.08 -3.03
C GLY A 240 21.64 13.69 -3.61
N PHE A 241 20.57 12.96 -3.94
CA PHE A 241 20.71 11.71 -4.65
C PHE A 241 21.36 12.00 -6.00
N PRO A 242 22.26 11.14 -6.53
CA PRO A 242 22.78 11.32 -7.89
C PRO A 242 21.68 11.36 -8.96
N PRO A 243 21.82 12.09 -10.11
CA PRO A 243 20.70 12.17 -11.05
C PRO A 243 20.37 10.82 -11.68
N GLY A 244 19.06 10.58 -11.88
CA GLY A 244 18.56 9.39 -12.55
C GLY A 244 18.36 8.22 -11.59
N VAL A 245 18.67 8.39 -10.30
CA VAL A 245 18.47 7.32 -9.35
C VAL A 245 16.97 7.20 -9.03
N VAL A 246 16.26 8.35 -8.91
CA VAL A 246 14.81 8.36 -8.81
C VAL A 246 14.22 9.20 -9.95
N ASN A 247 13.30 8.59 -10.72
CA ASN A 247 12.56 9.24 -11.79
C ASN A 247 11.06 9.00 -11.56
N ILE A 248 10.22 10.04 -11.69
CA ILE A 248 8.80 9.94 -11.37
C ILE A 248 8.02 10.36 -12.62
N VAL A 249 7.25 9.43 -13.22
CA VAL A 249 6.50 9.66 -14.46
C VAL A 249 5.01 9.56 -14.15
N PRO A 250 4.26 10.67 -13.87
CA PRO A 250 2.81 10.56 -13.67
C PRO A 250 2.12 10.23 -14.99
N GLY A 251 0.92 9.63 -14.92
CA GLY A 251 0.15 9.22 -16.08
C GLY A 251 -0.92 8.20 -15.74
N TYR A 252 -1.53 7.58 -16.77
CA TYR A 252 -2.64 6.64 -16.60
C TYR A 252 -2.12 5.20 -16.61
N GLY A 253 -2.91 4.29 -16.01
CA GLY A 253 -2.57 2.89 -15.86
C GLY A 253 -2.42 2.17 -17.21
N PRO A 254 -3.45 2.14 -18.10
CA PRO A 254 -3.32 1.49 -19.41
C PRO A 254 -2.21 1.97 -20.35
N THR A 255 -1.67 3.19 -20.15
CA THR A 255 -0.63 3.78 -20.99
C THR A 255 0.73 3.68 -20.27
N ALA A 256 0.98 4.51 -19.24
CA ALA A 256 2.28 4.57 -18.60
C ALA A 256 2.52 3.31 -17.76
N GLY A 257 1.48 2.79 -17.10
CA GLY A 257 1.61 1.59 -16.30
C GLY A 257 1.91 0.36 -17.14
N ALA A 258 1.20 0.20 -18.28
CA ALA A 258 1.45 -0.91 -19.20
C ALA A 258 2.82 -0.79 -19.85
N ALA A 259 3.29 0.44 -20.13
CA ALA A 259 4.63 0.68 -20.65
C ALA A 259 5.69 0.18 -19.68
N ILE A 260 5.51 0.41 -18.36
CA ILE A 260 6.45 -0.08 -17.36
C ILE A 260 6.42 -1.60 -17.32
N SER A 261 5.24 -2.21 -17.23
CA SER A 261 5.13 -3.66 -17.11
C SER A 261 5.66 -4.41 -18.34
N SER A 262 5.60 -3.80 -19.56
CA SER A 262 6.01 -4.45 -20.79
C SER A 262 7.43 -4.06 -21.24
N HIS A 263 8.16 -3.19 -20.51
CA HIS A 263 9.42 -2.66 -20.98
C HIS A 263 10.54 -3.70 -20.92
N MET A 264 11.40 -3.76 -21.96
CA MET A 264 12.39 -4.83 -22.10
C MET A 264 13.67 -4.59 -21.26
N ASP A 265 13.81 -3.41 -20.63
CA ASP A 265 14.97 -3.04 -19.82
C ASP A 265 14.61 -2.63 -18.38
N ILE A 266 13.40 -2.96 -17.89
CA ILE A 266 13.06 -2.84 -16.48
C ILE A 266 13.22 -4.22 -15.87
N ASP A 267 13.93 -4.32 -14.74
CA ASP A 267 14.35 -5.59 -14.21
C ASP A 267 13.32 -6.14 -13.23
N LYS A 268 12.59 -5.24 -12.56
CA LYS A 268 11.57 -5.61 -11.60
C LYS A 268 10.45 -4.58 -11.57
N VAL A 269 9.21 -5.05 -11.44
CA VAL A 269 8.02 -4.23 -11.33
C VAL A 269 7.32 -4.55 -10.00
N ALA A 270 7.04 -3.49 -9.22
CA ALA A 270 6.23 -3.55 -8.01
C ALA A 270 4.92 -2.82 -8.29
N PHE A 271 3.81 -3.47 -7.96
CA PHE A 271 2.48 -2.92 -8.18
C PHE A 271 1.64 -3.18 -6.92
N THR A 272 0.91 -2.13 -6.50
CA THR A 272 -0.15 -2.28 -5.52
C THR A 272 -1.41 -1.74 -6.18
N GLY A 273 -2.51 -2.48 -6.02
CA GLY A 273 -3.79 -2.07 -6.57
C GLY A 273 -4.78 -3.22 -6.62
N SER A 274 -5.68 -3.16 -7.62
CA SER A 274 -6.74 -4.14 -7.75
C SER A 274 -6.15 -5.49 -8.17
N THR A 275 -6.72 -6.61 -7.68
CA THR A 275 -6.37 -7.96 -8.13
C THR A 275 -6.51 -8.07 -9.66
N GLU A 276 -7.50 -7.39 -10.25
CA GLU A 276 -7.75 -7.39 -11.69
C GLU A 276 -6.56 -6.86 -12.52
N VAL A 277 -5.99 -5.72 -12.14
CA VAL A 277 -4.85 -5.14 -12.86
C VAL A 277 -3.60 -5.94 -12.52
N GLY A 278 -3.46 -6.41 -11.27
CA GLY A 278 -2.37 -7.29 -10.88
C GLY A 278 -2.13 -8.45 -11.84
N LYS A 279 -3.24 -9.07 -12.28
CA LYS A 279 -3.19 -10.15 -13.23
C LYS A 279 -2.63 -9.68 -14.58
N LEU A 280 -2.97 -8.47 -15.04
CA LEU A 280 -2.44 -7.92 -16.30
C LEU A 280 -0.94 -7.59 -16.20
N ILE A 281 -0.48 -7.12 -15.03
CA ILE A 281 0.93 -6.77 -14.84
C ILE A 281 1.77 -8.04 -14.92
N LYS A 282 1.36 -9.10 -14.21
CA LYS A 282 2.13 -10.35 -14.18
C LYS A 282 2.06 -11.05 -15.54
N GLU A 283 0.94 -10.95 -16.27
CA GLU A 283 0.87 -11.45 -17.65
C GLU A 283 1.89 -10.76 -18.56
N ALA A 284 1.98 -9.41 -18.51
CA ALA A 284 2.85 -8.65 -19.40
C ALA A 284 4.33 -8.79 -19.05
N ALA A 285 4.66 -9.04 -17.78
CA ALA A 285 6.03 -9.40 -17.41
C ALA A 285 6.48 -10.73 -18.03
N GLY A 286 5.60 -11.73 -18.08
CA GLY A 286 5.88 -12.99 -18.75
C GLY A 286 6.11 -12.82 -20.26
N LYS A 287 5.23 -12.08 -20.93
CA LYS A 287 5.27 -11.89 -22.38
C LYS A 287 6.48 -11.05 -22.84
N SER A 288 7.08 -10.21 -21.96
CA SER A 288 8.17 -9.33 -22.33
C SER A 288 9.54 -9.96 -21.97
N ASN A 289 10.06 -9.76 -20.74
CA ASN A 289 11.46 -10.02 -20.40
C ASN A 289 11.63 -10.77 -19.06
N LEU A 290 10.57 -11.47 -18.60
CA LEU A 290 10.50 -12.24 -17.35
C LEU A 290 11.01 -11.43 -16.17
N LYS A 291 10.63 -10.14 -16.16
CA LYS A 291 10.99 -9.24 -15.08
C LYS A 291 10.36 -9.77 -13.79
N ARG A 292 11.01 -9.49 -12.65
CA ARG A 292 10.49 -9.92 -11.36
C ARG A 292 9.24 -9.09 -11.08
N VAL A 293 8.23 -9.72 -10.45
CA VAL A 293 6.94 -9.10 -10.19
C VAL A 293 6.66 -9.31 -8.71
N THR A 294 6.47 -8.19 -7.97
CA THR A 294 5.83 -8.25 -6.67
C THR A 294 4.50 -7.49 -6.74
N LEU A 295 3.49 -8.08 -6.08
CA LEU A 295 2.11 -7.61 -6.09
C LEU A 295 1.57 -7.55 -4.66
N GLU A 296 0.92 -6.43 -4.35
CA GLU A 296 0.11 -6.27 -3.15
C GLU A 296 -1.29 -5.90 -3.63
N LEU A 297 -2.26 -6.80 -3.43
CA LEU A 297 -3.52 -6.67 -4.13
C LEU A 297 -4.65 -6.60 -3.10
N GLY A 298 -5.90 -6.78 -3.57
CA GLY A 298 -7.07 -6.73 -2.72
C GLY A 298 -7.08 -7.76 -1.59
N GLY A 299 -8.08 -7.56 -0.73
CA GLY A 299 -8.44 -8.50 0.32
C GLY A 299 -9.94 -8.56 0.56
N LYS A 300 -10.33 -9.65 1.23
CA LYS A 300 -11.61 -9.79 1.88
C LYS A 300 -11.34 -10.36 3.27
N SER A 301 -10.75 -9.52 4.13
CA SER A 301 -10.07 -9.99 5.32
C SER A 301 -11.07 -10.32 6.43
N PRO A 302 -11.03 -11.55 7.05
CA PRO A 302 -11.89 -11.88 8.19
C PRO A 302 -11.38 -11.43 9.56
N CYS A 303 -12.30 -11.06 10.48
CA CYS A 303 -12.08 -11.13 11.93
C CYS A 303 -12.86 -12.32 12.47
N ILE A 304 -12.31 -13.04 13.46
CA ILE A 304 -13.05 -14.09 14.15
C ILE A 304 -13.14 -13.68 15.61
N VAL A 305 -14.36 -13.46 16.17
CA VAL A 305 -14.52 -13.01 17.55
C VAL A 305 -15.13 -14.16 18.34
N LEU A 306 -14.35 -14.76 19.24
CA LEU A 306 -14.83 -15.92 20.00
C LEU A 306 -15.64 -15.42 21.19
N ALA A 307 -16.47 -16.33 21.75
CA ALA A 307 -17.33 -16.09 22.90
C ALA A 307 -16.60 -15.45 24.09
N ASP A 308 -15.32 -15.83 24.28
CA ASP A 308 -14.52 -15.45 25.44
C ASP A 308 -13.80 -14.10 25.24
N ALA A 309 -13.94 -13.45 24.07
CA ALA A 309 -13.21 -12.23 23.76
C ALA A 309 -13.70 -11.08 24.63
N ASP A 310 -12.77 -10.15 24.94
CA ASP A 310 -13.09 -8.83 25.44
C ASP A 310 -13.93 -8.14 24.37
N LEU A 311 -15.24 -7.99 24.62
CA LEU A 311 -16.18 -7.61 23.57
C LEU A 311 -16.00 -6.15 23.16
N ASP A 312 -15.80 -5.22 24.11
CA ASP A 312 -15.57 -3.81 23.78
C ASP A 312 -14.28 -3.61 22.99
N ASN A 313 -13.19 -4.29 23.38
CA ASN A 313 -11.93 -4.28 22.63
C ASN A 313 -12.13 -4.80 21.20
N ALA A 314 -12.86 -5.92 21.02
CA ALA A 314 -13.12 -6.49 19.71
C ALA A 314 -14.03 -5.60 18.85
N VAL A 315 -15.08 -4.98 19.43
CA VAL A 315 -15.95 -4.08 18.68
C VAL A 315 -15.14 -2.89 18.19
N GLU A 316 -14.28 -2.30 19.03
CA GLU A 316 -13.55 -1.09 18.64
C GLU A 316 -12.52 -1.39 17.55
N PHE A 317 -11.79 -2.51 17.68
CA PHE A 317 -10.75 -2.84 16.69
C PHE A 317 -11.35 -3.31 15.36
N ALA A 318 -12.41 -4.15 15.36
CA ALA A 318 -13.08 -4.55 14.13
C ALA A 318 -13.74 -3.35 13.44
N HIS A 319 -14.31 -2.41 14.21
CA HIS A 319 -14.81 -1.14 13.69
C HIS A 319 -13.70 -0.31 13.02
N HIS A 320 -12.63 0.03 13.75
CA HIS A 320 -11.54 0.80 13.17
C HIS A 320 -10.90 0.05 12.01
N GLY A 321 -10.88 -1.29 12.11
CA GLY A 321 -10.42 -2.18 11.04
C GLY A 321 -11.11 -1.99 9.69
N VAL A 322 -12.43 -1.74 9.68
CA VAL A 322 -13.19 -1.64 8.44
C VAL A 322 -13.35 -0.17 8.02
N PHE A 323 -13.48 0.77 8.96
CA PHE A 323 -13.87 2.12 8.60
C PHE A 323 -12.66 3.03 8.43
N TYR A 324 -11.42 2.55 8.65
CA TYR A 324 -10.25 3.39 8.47
C TYR A 324 -10.18 3.89 7.03
N HIS A 325 -9.92 5.20 6.86
CA HIS A 325 -9.84 5.87 5.56
C HIS A 325 -11.01 5.48 4.64
N GLN A 326 -12.25 5.59 5.17
CA GLN A 326 -13.50 5.35 4.46
C GLN A 326 -13.49 3.95 3.83
N GLY A 327 -12.91 2.95 4.53
CA GLY A 327 -12.86 1.59 4.05
C GLY A 327 -11.96 1.34 2.84
N GLN A 328 -11.08 2.31 2.49
CA GLN A 328 -10.26 2.22 1.29
C GLN A 328 -8.89 1.67 1.68
N CYS A 329 -8.91 0.50 2.35
CA CYS A 329 -7.74 -0.21 2.80
C CYS A 329 -7.86 -1.62 2.26
N CYS A 330 -6.77 -2.13 1.70
CA CYS A 330 -6.66 -3.51 1.24
C CYS A 330 -6.92 -4.51 2.37
N ILE A 331 -6.53 -4.12 3.61
CA ILE A 331 -6.69 -4.91 4.84
C ILE A 331 -8.02 -4.65 5.56
N ALA A 332 -9.00 -3.94 4.97
CA ALA A 332 -10.28 -3.66 5.62
C ALA A 332 -10.90 -4.94 6.17
N ALA A 333 -11.38 -4.89 7.42
CA ALA A 333 -11.95 -6.03 8.11
C ALA A 333 -13.38 -6.25 7.62
N SER A 334 -13.50 -6.79 6.40
CA SER A 334 -14.75 -6.76 5.66
C SER A 334 -15.62 -7.99 5.91
N ARG A 335 -15.19 -8.96 6.75
CA ARG A 335 -16.03 -10.08 7.13
C ARG A 335 -15.76 -10.34 8.61
N ILE A 336 -16.68 -10.00 9.51
CA ILE A 336 -16.46 -10.17 10.94
C ILE A 336 -17.38 -11.30 11.38
N PHE A 337 -16.78 -12.42 11.79
CA PHE A 337 -17.52 -13.58 12.25
C PHE A 337 -17.59 -13.54 13.78
N VAL A 338 -18.80 -13.58 14.36
CA VAL A 338 -18.98 -13.47 15.81
C VAL A 338 -19.73 -14.69 16.32
N GLU A 339 -19.24 -15.28 17.43
CA GLU A 339 -19.85 -16.48 18.00
C GLU A 339 -21.28 -16.15 18.44
N GLU A 340 -22.22 -17.09 18.17
CA GLU A 340 -23.66 -16.99 18.46
C GLU A 340 -23.98 -16.26 19.77
N SER A 341 -23.34 -16.64 20.88
CA SER A 341 -23.71 -16.22 22.22
C SER A 341 -23.53 -14.71 22.46
N ILE A 342 -22.61 -14.06 21.73
CA ILE A 342 -22.31 -12.63 21.91
C ILE A 342 -22.68 -11.81 20.66
N TYR A 343 -23.33 -12.45 19.66
CA TYR A 343 -23.56 -11.88 18.33
C TYR A 343 -24.46 -10.64 18.38
N ASP A 344 -25.57 -10.72 19.13
CA ASP A 344 -26.57 -9.67 19.18
C ASP A 344 -26.00 -8.41 19.84
N GLU A 345 -25.23 -8.61 20.93
CA GLU A 345 -24.58 -7.53 21.66
C GLU A 345 -23.49 -6.87 20.82
N PHE A 346 -22.74 -7.68 20.04
CA PHE A 346 -21.72 -7.18 19.13
C PHE A 346 -22.33 -6.25 18.08
N VAL A 347 -23.41 -6.70 17.44
CA VAL A 347 -24.05 -5.95 16.36
C VAL A 347 -24.56 -4.63 16.93
N ARG A 348 -25.26 -4.68 18.08
CA ARG A 348 -25.81 -3.50 18.75
C ARG A 348 -24.73 -2.46 19.04
N ARG A 349 -23.60 -2.87 19.66
CA ARG A 349 -22.52 -1.96 20.00
C ARG A 349 -21.80 -1.46 18.74
N SER A 350 -21.72 -2.29 17.68
CA SER A 350 -21.15 -1.89 16.40
C SER A 350 -21.96 -0.75 15.79
N VAL A 351 -23.31 -0.88 15.79
CA VAL A 351 -24.18 0.10 15.15
C VAL A 351 -24.14 1.42 15.92
N GLU A 352 -24.14 1.38 17.27
CA GLU A 352 -23.93 2.56 18.11
C GLU A 352 -22.68 3.34 17.71
N ARG A 353 -21.56 2.62 17.46
CA ARG A 353 -20.29 3.23 17.09
C ARG A 353 -20.36 3.84 15.69
N ALA A 354 -21.00 3.15 14.73
CA ALA A 354 -21.06 3.59 13.34
C ALA A 354 -21.98 4.81 13.14
N LYS A 355 -22.90 5.10 14.08
CA LYS A 355 -23.81 6.24 13.97
C LYS A 355 -23.22 7.55 14.53
N LYS A 356 -21.93 7.55 14.94
CA LYS A 356 -21.30 8.70 15.60
C LYS A 356 -20.46 9.54 14.61
N TYR A 357 -20.46 9.22 13.31
CA TYR A 357 -19.59 9.89 12.35
C TYR A 357 -20.21 11.17 11.81
N ILE A 358 -19.32 12.11 11.45
CA ILE A 358 -19.63 13.46 10.99
C ILE A 358 -18.93 13.59 9.65
N LEU A 359 -19.71 13.69 8.56
CA LEU A 359 -19.18 13.67 7.21
C LEU A 359 -18.95 15.11 6.75
N GLY A 360 -17.95 15.30 5.87
CA GLY A 360 -17.64 16.62 5.36
C GLY A 360 -16.26 16.67 4.71
N ASN A 361 -15.80 17.90 4.42
CA ASN A 361 -14.46 18.12 3.89
C ASN A 361 -13.45 17.59 4.90
N PRO A 362 -12.48 16.69 4.56
CA PRO A 362 -11.56 16.13 5.57
C PRO A 362 -10.50 17.09 6.17
N LEU A 363 -10.42 18.33 5.64
CA LEU A 363 -9.59 19.41 6.18
C LEU A 363 -10.28 20.18 7.32
N THR A 364 -11.62 20.07 7.47
CA THR A 364 -12.38 20.85 8.45
C THR A 364 -12.27 20.19 9.84
N PRO A 365 -11.91 20.93 10.92
CA PRO A 365 -11.91 20.36 12.28
C PRO A 365 -13.25 19.75 12.68
N GLY A 366 -13.20 18.64 13.45
CA GLY A 366 -14.39 17.94 13.92
C GLY A 366 -14.90 16.85 12.98
N VAL A 367 -14.53 16.91 11.68
CA VAL A 367 -14.99 15.95 10.69
C VAL A 367 -14.28 14.62 10.94
N THR A 368 -15.03 13.51 10.91
CA THR A 368 -14.52 12.18 11.23
C THR A 368 -14.71 11.17 10.10
N GLN A 369 -15.26 11.58 8.93
CA GLN A 369 -15.25 10.75 7.73
C GLN A 369 -15.22 11.63 6.49
N GLY A 370 -14.23 11.40 5.62
CA GLY A 370 -14.07 12.10 4.37
C GLY A 370 -14.76 11.39 3.20
N PRO A 371 -14.52 11.81 1.93
CA PRO A 371 -15.16 11.19 0.76
C PRO A 371 -14.44 9.96 0.21
N GLN A 372 -15.08 9.27 -0.72
CA GLN A 372 -14.42 8.27 -1.54
C GLN A 372 -13.62 9.00 -2.63
N ILE A 373 -12.72 8.26 -3.30
CA ILE A 373 -11.70 8.88 -4.16
C ILE A 373 -12.27 9.49 -5.45
N ASP A 374 -13.26 8.84 -6.10
CA ASP A 374 -13.74 9.22 -7.43
C ASP A 374 -15.12 8.57 -7.71
N LYS A 375 -15.71 8.88 -8.87
CA LYS A 375 -17.05 8.43 -9.19
C LYS A 375 -17.12 6.92 -9.41
N GLU A 376 -16.10 6.34 -10.09
CA GLU A 376 -16.06 4.91 -10.38
C GLU A 376 -16.15 4.08 -9.08
N GLN A 377 -15.33 4.43 -8.07
CA GLN A 377 -15.35 3.78 -6.76
C GLN A 377 -16.67 4.01 -6.03
N TYR A 378 -17.15 5.25 -6.00
CA TYR A 378 -18.43 5.61 -5.40
C TYR A 378 -19.57 4.79 -5.99
N ASP A 379 -19.65 4.67 -7.33
CA ASP A 379 -20.68 3.89 -8.00
C ASP A 379 -20.62 2.42 -7.63
N LYS A 380 -19.40 1.83 -7.64
CA LYS A 380 -19.17 0.43 -7.27
C LYS A 380 -19.66 0.14 -5.83
N ILE A 381 -19.41 1.05 -4.88
CA ILE A 381 -19.80 0.89 -3.47
C ILE A 381 -21.33 0.90 -3.33
N LEU A 382 -22.02 1.86 -3.96
CA LEU A 382 -23.47 1.95 -3.86
C LEU A 382 -24.14 0.77 -4.56
N ASP A 383 -23.58 0.30 -5.69
CA ASP A 383 -24.05 -0.89 -6.39
C ASP A 383 -23.96 -2.14 -5.51
N LEU A 384 -22.88 -2.29 -4.73
CA LEU A 384 -22.71 -3.43 -3.83
C LEU A 384 -23.63 -3.33 -2.61
N ILE A 385 -23.80 -2.12 -2.02
CA ILE A 385 -24.76 -1.90 -0.94
C ILE A 385 -26.17 -2.32 -1.39
N GLU A 386 -26.55 -2.01 -2.64
CA GLU A 386 -27.87 -2.38 -3.17
C GLU A 386 -28.03 -3.89 -3.29
N SER A 387 -26.97 -4.64 -3.64
CA SER A 387 -27.02 -6.10 -3.67
C SER A 387 -27.22 -6.67 -2.26
N GLY A 388 -26.54 -6.10 -1.25
CA GLY A 388 -26.71 -6.49 0.14
C GLY A 388 -28.17 -6.46 0.60
N LYS A 389 -28.86 -5.34 0.33
CA LYS A 389 -30.26 -5.18 0.68
C LYS A 389 -31.11 -6.21 -0.08
N LYS A 390 -30.88 -6.32 -1.40
CA LYS A 390 -31.67 -7.14 -2.32
C LYS A 390 -31.51 -8.64 -2.02
N GLU A 391 -30.27 -9.12 -1.81
CA GLU A 391 -29.97 -10.52 -1.53
C GLU A 391 -30.34 -10.91 -0.10
N GLY A 392 -30.81 -9.97 0.74
CA GLY A 392 -31.51 -10.28 1.98
C GLY A 392 -30.64 -10.15 3.23
N ALA A 393 -29.52 -9.40 3.16
CA ALA A 393 -28.81 -8.97 4.35
C ALA A 393 -29.65 -7.94 5.09
N LYS A 394 -29.50 -7.88 6.42
CA LYS A 394 -30.23 -6.92 7.24
C LYS A 394 -29.43 -5.61 7.31
N LEU A 395 -29.97 -4.52 6.75
CA LEU A 395 -29.36 -3.21 6.89
C LEU A 395 -29.66 -2.67 8.28
N GLU A 396 -28.59 -2.31 9.01
CA GLU A 396 -28.69 -1.85 10.38
C GLU A 396 -28.58 -0.32 10.45
N CYS A 397 -27.71 0.29 9.63
CA CYS A 397 -27.60 1.74 9.53
C CYS A 397 -26.93 2.14 8.21
N GLY A 398 -27.03 3.44 7.86
CA GLY A 398 -26.46 3.97 6.63
C GLY A 398 -27.22 3.48 5.41
N GLY A 399 -26.47 3.10 4.36
CA GLY A 399 -27.00 2.35 3.22
C GLY A 399 -27.31 3.26 2.03
N GLY A 400 -26.62 4.40 1.94
CA GLY A 400 -26.92 5.36 0.89
C GLY A 400 -25.85 6.44 0.78
N PRO A 401 -25.96 7.33 -0.24
CA PRO A 401 -25.07 8.48 -0.34
C PRO A 401 -25.41 9.57 0.67
N TRP A 402 -24.52 10.58 0.71
CA TRP A 402 -24.71 11.80 1.49
C TRP A 402 -24.23 12.99 0.68
N GLY A 403 -24.95 14.12 0.77
CA GLY A 403 -24.48 15.40 0.25
C GLY A 403 -24.78 15.64 -1.23
N ASN A 404 -24.62 16.92 -1.63
CA ASN A 404 -24.91 17.40 -2.98
C ASN A 404 -23.63 17.47 -3.82
N LYS A 405 -22.45 17.59 -3.17
CA LYS A 405 -21.17 17.42 -3.86
C LYS A 405 -20.18 16.68 -2.96
N GLY A 406 -19.17 16.10 -3.62
CA GLY A 406 -18.25 15.14 -3.04
C GLY A 406 -18.82 13.73 -3.08
N TYR A 407 -17.94 12.73 -3.08
CA TYR A 407 -18.34 11.34 -3.29
C TYR A 407 -18.48 10.64 -1.93
N PHE A 408 -19.47 11.05 -1.11
CA PHE A 408 -19.60 10.56 0.25
C PHE A 408 -20.57 9.37 0.35
N VAL A 409 -20.20 8.36 1.14
CA VAL A 409 -21.07 7.22 1.43
C VAL A 409 -21.32 7.24 2.93
N GLN A 410 -22.59 7.10 3.34
CA GLN A 410 -22.93 6.95 4.75
C GLN A 410 -22.24 5.69 5.29
N PRO A 411 -21.66 5.66 6.51
CA PRO A 411 -21.10 4.42 7.05
C PRO A 411 -22.20 3.39 7.30
N THR A 412 -21.98 2.17 6.78
CA THR A 412 -23.03 1.20 6.59
C THR A 412 -22.68 -0.06 7.37
N VAL A 413 -23.68 -0.67 8.02
CA VAL A 413 -23.52 -1.95 8.70
C VAL A 413 -24.58 -2.91 8.18
N PHE A 414 -24.13 -4.14 7.86
CA PHE A 414 -25.00 -5.24 7.49
C PHE A 414 -24.82 -6.35 8.51
N SER A 415 -25.93 -6.87 9.05
CA SER A 415 -25.93 -8.08 9.86
C SER A 415 -26.65 -9.20 9.11
N ASN A 416 -26.52 -10.45 9.59
CA ASN A 416 -27.16 -11.64 9.05
C ASN A 416 -26.66 -11.90 7.62
N VAL A 417 -25.36 -11.65 7.37
CA VAL A 417 -24.75 -11.80 6.05
C VAL A 417 -24.42 -13.28 5.90
N THR A 418 -24.56 -13.83 4.69
CA THR A 418 -24.24 -15.21 4.40
C THR A 418 -23.13 -15.22 3.34
N ASP A 419 -22.42 -16.35 3.24
CA ASP A 419 -21.16 -16.46 2.50
C ASP A 419 -21.33 -16.34 0.97
N GLU A 420 -22.55 -16.55 0.45
CA GLU A 420 -22.85 -16.53 -0.98
C GLU A 420 -23.17 -15.12 -1.48
N MET A 421 -23.46 -14.16 -0.57
CA MET A 421 -23.82 -12.79 -0.95
C MET A 421 -22.62 -12.07 -1.57
N ARG A 422 -22.89 -11.15 -2.51
CA ARG A 422 -21.85 -10.38 -3.19
C ARG A 422 -21.03 -9.58 -2.18
N ILE A 423 -21.66 -9.00 -1.16
CA ILE A 423 -20.97 -8.22 -0.12
C ILE A 423 -20.07 -9.09 0.78
N ALA A 424 -20.24 -10.44 0.81
CA ALA A 424 -19.31 -11.34 1.49
C ALA A 424 -18.21 -11.90 0.59
N LYS A 425 -18.28 -11.72 -0.75
CA LYS A 425 -17.33 -12.30 -1.70
C LYS A 425 -16.43 -11.24 -2.35
N GLU A 426 -16.97 -10.05 -2.66
CA GLU A 426 -16.26 -9.04 -3.44
C GLU A 426 -15.71 -7.95 -2.53
N GLU A 427 -14.48 -7.50 -2.84
CA GLU A 427 -13.89 -6.34 -2.20
C GLU A 427 -14.74 -5.11 -2.49
N ILE A 428 -15.24 -4.44 -1.43
CA ILE A 428 -16.10 -3.26 -1.58
C ILE A 428 -15.23 -2.02 -1.71
N PHE A 429 -14.22 -1.88 -0.83
CA PHE A 429 -13.33 -0.74 -0.80
C PHE A 429 -14.13 0.52 -0.50
N GLY A 430 -15.06 0.38 0.48
CA GLY A 430 -15.91 1.45 0.94
C GLY A 430 -16.30 1.25 2.41
N PRO A 431 -16.96 2.22 3.06
CA PRO A 431 -17.28 2.11 4.49
C PRO A 431 -18.52 1.23 4.69
N VAL A 432 -18.30 -0.09 4.62
CA VAL A 432 -19.38 -1.07 4.67
C VAL A 432 -18.89 -2.27 5.48
N GLN A 433 -19.50 -2.51 6.65
CA GLN A 433 -19.14 -3.58 7.59
C GLN A 433 -20.11 -4.75 7.42
N GLN A 434 -19.59 -5.97 7.31
CA GLN A 434 -20.39 -7.20 7.24
C GLN A 434 -20.18 -7.98 8.53
N ILE A 435 -21.26 -8.40 9.21
CA ILE A 435 -21.16 -9.13 10.47
C ILE A 435 -21.92 -10.44 10.28
N MET A 436 -21.23 -11.55 10.54
CA MET A 436 -21.73 -12.89 10.30
C MET A 436 -21.77 -13.66 11.62
N LYS A 437 -22.57 -14.74 11.64
CA LYS A 437 -22.75 -15.58 12.81
C LYS A 437 -22.03 -16.90 12.57
N PHE A 438 -21.47 -17.51 13.64
CA PHE A 438 -21.01 -18.89 13.62
C PHE A 438 -21.25 -19.56 14.98
N LYS A 439 -21.23 -20.90 15.00
CA LYS A 439 -21.25 -21.67 16.24
C LYS A 439 -20.01 -22.54 16.42
N SER A 440 -19.46 -23.15 15.34
CA SER A 440 -18.38 -24.13 15.39
C SER A 440 -17.06 -23.50 14.92
N LEU A 441 -15.98 -23.69 15.70
CA LEU A 441 -14.69 -23.07 15.38
C LEU A 441 -14.02 -23.73 14.17
N ASP A 442 -14.10 -25.07 14.06
CA ASP A 442 -13.70 -25.79 12.86
C ASP A 442 -14.38 -25.20 11.62
N ASP A 443 -15.71 -24.98 11.69
CA ASP A 443 -16.51 -24.48 10.59
C ASP A 443 -16.13 -23.03 10.21
N VAL A 444 -15.90 -22.15 11.20
CA VAL A 444 -15.65 -20.75 10.90
C VAL A 444 -14.29 -20.58 10.22
N ILE A 445 -13.30 -21.41 10.56
CA ILE A 445 -11.98 -21.29 9.93
C ILE A 445 -12.08 -21.78 8.48
N LYS A 446 -12.91 -22.81 8.19
CA LYS A 446 -13.20 -23.21 6.81
C LYS A 446 -13.80 -22.05 6.02
N ARG A 447 -14.79 -21.35 6.60
CA ARG A 447 -15.48 -20.23 5.97
C ARG A 447 -14.53 -19.02 5.83
N ALA A 448 -13.72 -18.74 6.86
CA ALA A 448 -12.72 -17.68 6.79
C ALA A 448 -11.72 -17.93 5.66
N ASN A 449 -11.33 -19.20 5.42
CA ASN A 449 -10.36 -19.54 4.38
C ASN A 449 -10.99 -19.75 3.00
N ASN A 450 -12.33 -19.77 2.88
CA ASN A 450 -12.99 -20.06 1.62
C ASN A 450 -13.12 -18.75 0.82
N THR A 451 -11.98 -18.31 0.27
CA THR A 451 -11.84 -17.12 -0.55
C THR A 451 -10.57 -17.26 -1.39
N PHE A 452 -10.50 -16.61 -2.55
CA PHE A 452 -9.24 -16.49 -3.29
C PHE A 452 -8.31 -15.43 -2.68
N TYR A 453 -8.83 -14.55 -1.81
CA TYR A 453 -8.03 -13.55 -1.12
C TYR A 453 -7.32 -14.13 0.10
N GLY A 454 -6.37 -13.39 0.67
CA GLY A 454 -5.62 -13.86 1.83
C GLY A 454 -4.58 -12.87 2.33
N LEU A 455 -4.97 -11.60 2.45
CA LEU A 455 -4.03 -10.59 2.86
C LEU A 455 -3.92 -10.57 4.38
N SER A 456 -5.04 -10.56 5.12
CA SER A 456 -4.99 -10.39 6.56
C SER A 456 -6.18 -11.03 7.26
N ALA A 457 -6.08 -11.16 8.59
CA ALA A 457 -7.10 -11.73 9.47
C ALA A 457 -6.90 -11.20 10.89
N GLY A 458 -7.99 -11.17 11.69
CA GLY A 458 -7.97 -10.77 13.08
C GLY A 458 -8.63 -11.86 13.91
N VAL A 459 -8.07 -12.20 15.08
CA VAL A 459 -8.65 -13.22 15.95
C VAL A 459 -8.79 -12.58 17.31
N PHE A 460 -9.98 -12.67 17.91
CA PHE A 460 -10.23 -12.08 19.22
C PHE A 460 -10.59 -13.19 20.18
N THR A 461 -9.74 -13.38 21.20
CA THR A 461 -9.89 -14.44 22.19
C THR A 461 -9.04 -14.08 23.41
N LYS A 462 -9.34 -14.65 24.58
CA LYS A 462 -8.47 -14.55 25.75
C LYS A 462 -7.52 -15.75 25.86
N ASP A 463 -7.68 -16.78 25.02
CA ASP A 463 -7.10 -18.08 25.28
C ASP A 463 -5.81 -18.25 24.46
N ILE A 464 -4.72 -18.71 25.12
CA ILE A 464 -3.40 -18.85 24.49
C ILE A 464 -3.44 -19.89 23.39
N ASP A 465 -3.97 -21.09 23.70
CA ASP A 465 -4.12 -22.14 22.70
C ASP A 465 -4.86 -21.62 21.46
N LYS A 466 -5.98 -20.92 21.64
CA LYS A 466 -6.83 -20.51 20.52
C LYS A 466 -6.08 -19.46 19.68
N ALA A 467 -5.37 -18.52 20.32
CA ALA A 467 -4.58 -17.53 19.59
C ALA A 467 -3.57 -18.19 18.65
N ILE A 468 -2.83 -19.20 19.13
CA ILE A 468 -1.74 -19.78 18.35
C ILE A 468 -2.35 -20.72 17.31
N THR A 469 -3.32 -21.56 17.67
CA THR A 469 -3.85 -22.52 16.71
C THR A 469 -4.68 -21.85 15.61
N ILE A 470 -5.45 -20.79 15.91
CA ILE A 470 -6.24 -20.11 14.89
C ILE A 470 -5.29 -19.30 13.99
N SER A 471 -4.30 -18.58 14.53
CA SER A 471 -3.31 -17.92 13.68
C SER A 471 -2.53 -18.89 12.76
N SER A 472 -2.21 -20.10 13.22
CA SER A 472 -1.59 -21.12 12.36
C SER A 472 -2.51 -21.60 11.25
N ALA A 473 -3.84 -21.66 11.48
CA ALA A 473 -4.79 -22.27 10.55
C ALA A 473 -5.27 -21.28 9.48
N LEU A 474 -5.21 -19.97 9.74
CA LEU A 474 -5.74 -19.00 8.77
C LEU A 474 -4.73 -18.73 7.68
N GLN A 475 -5.17 -18.76 6.40
CA GLN A 475 -4.29 -18.64 5.25
C GLN A 475 -4.22 -17.15 4.88
N ALA A 476 -3.48 -16.39 5.68
CA ALA A 476 -3.47 -14.94 5.59
C ALA A 476 -2.09 -14.46 6.00
N GLY A 477 -1.63 -13.39 5.36
CA GLY A 477 -0.25 -12.98 5.50
C GLY A 477 0.03 -12.27 6.82
N THR A 478 -0.97 -11.52 7.28
CA THR A 478 -0.89 -10.91 8.59
C THR A 478 -2.07 -11.40 9.41
N VAL A 479 -1.78 -11.87 10.63
CA VAL A 479 -2.78 -12.19 11.63
C VAL A 479 -2.60 -11.19 12.76
N TRP A 480 -3.64 -10.43 13.10
CA TRP A 480 -3.65 -9.72 14.38
C TRP A 480 -4.43 -10.52 15.41
N VAL A 481 -3.95 -10.59 16.65
CA VAL A 481 -4.69 -11.23 17.74
C VAL A 481 -4.98 -10.11 18.75
N ASN A 482 -6.27 -9.86 19.01
CA ASN A 482 -6.78 -8.89 19.98
C ASN A 482 -6.45 -7.45 19.60
N CYS A 483 -6.18 -7.22 18.31
CA CYS A 483 -6.05 -5.90 17.73
C CYS A 483 -6.33 -6.05 16.24
N TYR A 484 -6.22 -4.95 15.47
CA TYR A 484 -6.37 -5.02 14.02
C TYR A 484 -5.76 -3.77 13.39
N GLY A 485 -5.18 -3.95 12.19
CA GLY A 485 -4.62 -2.85 11.42
C GLY A 485 -3.33 -2.27 12.00
N VAL A 486 -2.58 -3.08 12.77
CA VAL A 486 -1.33 -2.65 13.38
C VAL A 486 -0.21 -3.00 12.40
N VAL A 487 0.31 -1.98 11.70
CA VAL A 487 1.25 -2.16 10.61
C VAL A 487 2.46 -1.28 10.90
N SER A 488 3.66 -1.89 10.96
CA SER A 488 4.90 -1.18 11.29
C SER A 488 6.06 -1.69 10.43
N ALA A 489 7.06 -0.81 10.24
CA ALA A 489 8.18 -0.99 9.34
C ALA A 489 9.01 -2.22 9.66
N GLN A 490 8.98 -2.70 10.90
CA GLN A 490 9.89 -3.75 11.32
C GLN A 490 9.35 -5.12 10.87
N CYS A 491 8.06 -5.22 10.45
CA CYS A 491 7.36 -6.48 10.20
C CYS A 491 7.12 -6.71 8.71
N PRO A 492 7.27 -7.93 8.15
CA PRO A 492 6.91 -8.14 6.75
C PRO A 492 5.39 -8.16 6.58
N PHE A 493 4.94 -7.72 5.40
CA PHE A 493 3.53 -7.51 5.09
C PHE A 493 3.27 -7.93 3.64
N GLY A 494 2.23 -8.74 3.44
CA GLY A 494 1.93 -9.21 2.09
C GLY A 494 0.95 -10.36 2.12
N GLY A 495 0.49 -10.75 0.93
CA GLY A 495 -0.65 -11.65 0.80
C GLY A 495 -0.25 -13.09 0.53
N PHE A 496 -1.10 -14.01 0.99
CA PHE A 496 -1.20 -15.35 0.41
C PHE A 496 -2.19 -15.30 -0.77
N LYS A 497 -2.13 -16.32 -1.65
CA LYS A 497 -3.12 -16.56 -2.71
C LYS A 497 -3.18 -15.33 -3.62
N MET A 498 -4.37 -14.84 -4.02
CA MET A 498 -4.47 -13.82 -5.05
C MET A 498 -4.36 -12.41 -4.46
N SER A 499 -4.01 -12.30 -3.16
CA SER A 499 -3.79 -11.02 -2.51
C SER A 499 -2.36 -10.56 -2.77
N GLY A 500 -1.47 -11.43 -3.33
CA GLY A 500 -0.15 -10.95 -3.70
C GLY A 500 0.90 -12.03 -3.95
N ASN A 501 2.06 -11.55 -4.42
CA ASN A 501 3.31 -12.28 -4.52
C ASN A 501 4.36 -11.45 -3.81
N GLY A 502 5.09 -12.08 -2.87
CA GLY A 502 6.19 -11.43 -2.16
C GLY A 502 5.71 -10.56 -0.99
N ARG A 503 6.65 -9.83 -0.38
CA ARG A 503 6.48 -9.19 0.92
C ARG A 503 7.16 -7.84 0.89
N GLU A 504 6.63 -6.88 1.67
CA GLU A 504 7.25 -5.58 1.79
C GLU A 504 7.63 -5.35 3.25
N LEU A 505 8.77 -4.64 3.42
CA LEU A 505 9.31 -4.17 4.70
C LEU A 505 9.73 -5.33 5.60
N GLY A 506 10.30 -4.98 6.76
CA GLY A 506 11.01 -5.94 7.59
C GLY A 506 12.29 -6.39 6.90
N GLU A 507 13.03 -7.27 7.57
CA GLU A 507 14.15 -7.98 7.00
C GLU A 507 13.76 -8.65 5.68
N TYR A 508 12.59 -9.33 5.67
CA TYR A 508 12.22 -10.23 4.59
C TYR A 508 11.93 -9.46 3.31
N GLY A 509 11.35 -8.26 3.44
CA GLY A 509 10.97 -7.44 2.29
C GLY A 509 12.16 -6.94 1.46
N PHE A 510 13.34 -6.82 2.06
CA PHE A 510 14.52 -6.36 1.33
C PHE A 510 15.06 -7.45 0.41
N HIS A 511 14.76 -8.74 0.65
CA HIS A 511 15.17 -9.82 -0.24
C HIS A 511 14.70 -9.62 -1.69
N GLU A 512 13.51 -9.06 -1.90
CA GLU A 512 12.97 -8.93 -3.25
C GLU A 512 13.53 -7.72 -3.99
N TYR A 513 14.43 -6.92 -3.41
CA TYR A 513 15.13 -5.88 -4.13
C TYR A 513 16.61 -6.17 -4.24
N THR A 514 17.06 -7.40 -3.94
CA THR A 514 18.42 -7.78 -4.25
C THR A 514 18.43 -8.94 -5.22
N GLU A 515 19.55 -9.08 -5.92
CA GLU A 515 19.81 -10.23 -6.76
C GLU A 515 21.00 -10.96 -6.14
N VAL A 516 20.82 -12.26 -5.89
CA VAL A 516 21.83 -13.06 -5.23
C VAL A 516 22.79 -13.57 -6.30
N LYS A 517 24.08 -13.23 -6.14
CA LYS A 517 25.13 -13.61 -7.07
C LYS A 517 26.06 -14.53 -6.29
N THR A 518 26.29 -15.75 -6.80
CA THR A 518 27.24 -16.66 -6.19
C THR A 518 28.58 -16.47 -6.89
N VAL A 519 29.69 -16.46 -6.13
CA VAL A 519 31.04 -16.40 -6.66
C VAL A 519 31.80 -17.59 -6.10
N THR A 520 32.34 -18.47 -6.96
CA THR A 520 33.10 -19.65 -6.53
C THR A 520 34.52 -19.55 -7.12
N VAL A 521 35.56 -19.59 -6.25
CA VAL A 521 36.95 -19.36 -6.62
C VAL A 521 37.74 -20.63 -6.34
N LYS A 522 38.52 -21.12 -7.32
CA LYS A 522 39.36 -22.28 -7.08
C LYS A 522 40.59 -21.85 -6.27
N ILE A 523 40.93 -22.66 -5.25
CA ILE A 523 42.06 -22.43 -4.34
C ILE A 523 42.81 -23.76 -4.19
N SER A 524 44.06 -23.73 -3.70
CA SER A 524 44.95 -24.89 -3.81
C SER A 524 44.51 -26.00 -2.83
N GLN A 525 44.26 -25.59 -1.57
CA GLN A 525 43.78 -26.48 -0.54
C GLN A 525 42.90 -25.66 0.38
N LYS A 526 41.74 -26.24 0.70
CA LYS A 526 40.79 -25.69 1.64
C LYS A 526 41.12 -26.19 3.05
N ASN A 527 40.99 -25.29 4.05
CA ASN A 527 41.14 -25.62 5.46
C ASN A 527 40.00 -24.98 6.22
N SER A 528 39.39 -25.73 7.17
CA SER A 528 38.06 -25.44 7.70
C SER A 528 38.01 -24.08 8.43
#